data_2PXE
#
_entry.id   2PXE
#
_cell.length_a   132.480
_cell.length_b   73.410
_cell.length_c   33.160
_cell.angle_alpha   90.00
_cell.angle_beta   94.65
_cell.angle_gamma   90.00
#
_symmetry.space_group_name_H-M   'C 1 2 1'
#
loop_
_entity.id
_entity.type
_entity.pdbx_description
1 polymer '4.5 S RNA'
2 polymer 'Signal recognition particle protein'
3 non-polymer 'COBALT HEXAMMINE(III)'
#
loop_
_entity_poly.entity_id
_entity_poly.type
_entity_poly.pdbx_seq_one_letter_code
_entity_poly.pdbx_strand_id
1 'polyribonucleotide' GGGUCUGUUUACCAGGUCAGGUCCGAAAGGAAGCAGCCAAGGCAGGUCC B
2 'polypeptide(L)'
;FDLNDFLEQLRQMKN(MSE)GG(MSE)ASL(MSE)GKLPG(MSE)GQIPDNVKSQ(MSE)DDKVLVR(MSE)EAIINS
(MSE)T(MSE)KERAKPEIIKGSRKRRIAAGSG(MSE)QVQDVNRLLKQFDD(MSE)QR(MSE)(MSE)KK(MSE)
;
A
#
# COMPACT_ATOMS: atom_id res chain seq x y z
N PHE B 1 -9.01 9.30 -5.80
CA PHE B 1 -8.25 9.05 -4.53
C PHE B 1 -7.38 7.80 -4.62
N ASP B 2 -6.10 7.93 -4.27
CA ASP B 2 -5.19 6.78 -4.32
C ASP B 2 -4.16 6.74 -3.20
N LEU B 3 -3.21 5.82 -3.32
CA LEU B 3 -2.17 5.67 -2.31
C LEU B 3 -1.38 6.94 -2.14
N ASN B 4 -1.26 7.73 -3.19
CA ASN B 4 -0.54 8.99 -3.09
C ASN B 4 -1.27 9.87 -2.09
N ASP B 5 -2.60 9.90 -2.20
CA ASP B 5 -3.43 10.70 -1.31
C ASP B 5 -3.53 10.09 0.08
N PHE B 6 -3.36 8.77 0.16
CA PHE B 6 -3.42 8.09 1.44
C PHE B 6 -2.10 8.36 2.15
N LEU B 7 -1.01 8.34 1.37
CA LEU B 7 0.31 8.60 1.90
C LEU B 7 0.37 10.02 2.48
N GLU B 8 -0.38 10.93 1.88
CA GLU B 8 -0.40 12.32 2.32
C GLU B 8 -1.21 12.56 3.60
N GLN B 9 -1.52 11.48 4.31
CA GLN B 9 -2.26 11.58 5.55
C GLN B 9 -1.66 10.66 6.62
N LYS B 43 4.68 5.46 15.11
CA LYS B 43 5.49 4.39 14.45
C LYS B 43 4.67 3.59 13.43
N VAL B 44 3.46 3.21 13.79
CA VAL B 44 2.61 2.46 12.87
C VAL B 44 2.56 3.26 11.58
N LEU B 45 2.70 4.57 11.70
CA LEU B 45 2.67 5.43 10.54
C LEU B 45 3.97 5.35 9.75
N VAL B 46 5.08 5.03 10.40
CA VAL B 46 6.36 4.95 9.70
C VAL B 46 6.40 3.76 8.76
N ARG B 47 5.98 2.60 9.26
CA ARG B 47 5.99 1.40 8.45
C ARG B 47 5.07 1.56 7.26
N GLU B 49 4.25 4.14 5.61
CA GLU B 49 4.94 4.89 4.60
C GLU B 49 5.92 3.93 3.92
N ALA B 50 6.71 3.24 4.74
CA ALA B 50 7.71 2.30 4.24
C ALA B 50 7.13 1.39 3.17
N ILE B 51 5.91 0.91 3.37
CA ILE B 51 5.29 0.04 2.37
C ILE B 51 4.98 0.82 1.10
N ILE B 52 4.51 2.05 1.26
CA ILE B 52 4.19 2.81 0.08
C ILE B 52 5.42 3.30 -0.66
N ASN B 53 6.51 3.53 0.07
CA ASN B 53 7.73 3.98 -0.57
C ASN B 53 8.41 2.88 -1.38
N SER B 54 7.84 1.68 -1.38
CA SER B 54 8.43 0.59 -2.17
C SER B 54 7.63 0.27 -3.42
N THR B 56 5.67 1.31 -7.11
CA THR B 56 5.99 2.11 -8.29
C THR B 56 4.90 3.16 -8.39
N LYS B 58 2.82 3.58 -10.80
CA LYS B 58 1.62 2.91 -11.27
C LYS B 58 0.86 2.21 -10.17
N GLU B 59 1.59 1.59 -9.24
CA GLU B 59 0.93 0.88 -8.15
C GLU B 59 0.19 1.85 -7.23
N ARG B 60 0.84 2.93 -6.85
CA ARG B 60 0.23 3.93 -5.97
C ARG B 60 -1.06 4.53 -6.55
N ALA B 61 -1.02 4.85 -7.84
CA ALA B 61 -2.14 5.44 -8.53
C ALA B 61 -3.28 4.48 -8.82
N LYS B 62 -2.95 3.22 -9.08
CA LYS B 62 -3.97 2.22 -9.39
C LYS B 62 -3.68 0.97 -8.58
N PRO B 63 -3.89 1.04 -7.25
CA PRO B 63 -3.68 -0.01 -6.24
C PRO B 63 -4.23 -1.39 -6.56
N GLU B 64 -5.36 -1.44 -7.25
CA GLU B 64 -5.99 -2.72 -7.56
C GLU B 64 -5.16 -3.65 -8.43
N ILE B 65 -4.01 -3.17 -8.90
CA ILE B 65 -3.15 -4.00 -9.72
C ILE B 65 -2.16 -4.77 -8.85
N ILE B 66 -2.12 -4.42 -7.57
CA ILE B 66 -1.19 -5.09 -6.66
C ILE B 66 -1.70 -6.45 -6.21
N LYS B 67 -1.13 -7.49 -6.83
CA LYS B 67 -1.49 -8.87 -6.55
C LYS B 67 -0.28 -9.64 -5.94
N GLY B 68 -0.35 -10.97 -5.97
CA GLY B 68 0.70 -11.79 -5.39
C GLY B 68 2.15 -11.38 -5.55
N SER B 69 2.63 -11.37 -6.80
CA SER B 69 4.01 -11.05 -7.09
C SER B 69 4.48 -9.66 -6.64
N ARG B 70 3.64 -8.66 -6.79
CA ARG B 70 4.01 -7.30 -6.37
C ARG B 70 4.00 -7.16 -4.85
N LYS B 71 2.93 -7.63 -4.19
CA LYS B 71 2.85 -7.55 -2.74
C LYS B 71 4.17 -8.08 -2.19
N ARG B 72 4.61 -9.20 -2.74
CA ARG B 72 5.84 -9.82 -2.31
C ARG B 72 7.01 -8.91 -2.60
N ARG B 73 7.02 -8.29 -3.78
CA ARG B 73 8.13 -7.40 -4.09
C ARG B 73 8.10 -6.25 -3.10
N ILE B 74 6.90 -5.74 -2.84
CA ILE B 74 6.74 -4.62 -1.92
C ILE B 74 7.06 -4.96 -0.48
N ALA B 75 6.66 -6.13 -0.03
CA ALA B 75 6.94 -6.52 1.36
C ALA B 75 8.45 -6.66 1.59
N ALA B 76 9.12 -7.47 0.79
CA ALA B 76 10.56 -7.64 0.98
C ALA B 76 11.26 -6.31 0.82
N GLY B 77 10.83 -5.53 -0.17
CA GLY B 77 11.47 -4.25 -0.40
C GLY B 77 11.32 -3.25 0.72
N SER B 78 10.36 -3.49 1.61
CA SER B 78 10.12 -2.59 2.73
C SER B 78 10.37 -3.28 4.08
N GLY B 79 10.94 -4.48 4.04
CA GLY B 79 11.22 -5.21 5.27
C GLY B 79 9.96 -5.58 6.02
N GLN B 81 6.06 -7.97 6.00
CA GLN B 81 5.49 -9.24 5.61
C GLN B 81 4.33 -8.94 4.65
N VAL B 82 4.04 -9.89 3.77
CA VAL B 82 2.97 -9.74 2.81
C VAL B 82 1.67 -9.35 3.52
N GLN B 83 1.37 -10.01 4.63
CA GLN B 83 0.16 -9.70 5.37
C GLN B 83 0.20 -8.25 5.86
N ASP B 84 1.40 -7.70 6.04
CA ASP B 84 1.53 -6.31 6.47
C ASP B 84 1.01 -5.45 5.32
N VAL B 85 1.39 -5.82 4.10
CA VAL B 85 0.97 -5.09 2.92
C VAL B 85 -0.51 -5.25 2.69
N ASN B 86 -1.04 -6.43 3.03
CA ASN B 86 -2.46 -6.69 2.84
C ASN B 86 -3.27 -5.77 3.76
N ARG B 87 -2.83 -5.60 5.00
CA ARG B 87 -3.56 -4.74 5.92
C ARG B 87 -3.52 -3.30 5.42
N LEU B 88 -2.35 -2.87 4.96
CA LEU B 88 -2.16 -1.52 4.44
C LEU B 88 -3.16 -1.24 3.33
N LEU B 89 -3.21 -2.16 2.37
CA LEU B 89 -4.12 -2.00 1.24
C LEU B 89 -5.57 -1.98 1.67
N LYS B 90 -5.89 -2.73 2.72
CA LYS B 90 -7.25 -2.76 3.23
C LYS B 90 -7.61 -1.42 3.85
N GLN B 91 -6.73 -0.89 4.68
CA GLN B 91 -6.98 0.41 5.31
C GLN B 91 -7.16 1.45 4.22
N PHE B 92 -6.39 1.32 3.14
CA PHE B 92 -6.52 2.27 2.05
C PHE B 92 -7.88 2.11 1.35
N ASP B 93 -8.24 0.86 1.08
CA ASP B 93 -9.50 0.52 0.44
C ASP B 93 -10.65 1.19 1.18
N ASP B 94 -10.72 0.94 2.49
CA ASP B 94 -11.74 1.51 3.35
C ASP B 94 -11.89 3.01 3.10
N GLN B 96 -10.70 4.77 0.46
CA GLN B 96 -11.06 5.00 -0.94
C GLN B 96 -12.57 4.94 -1.06
N ARG B 97 -13.20 4.07 -0.28
CA ARG B 97 -14.66 3.91 -0.26
C ARG B 97 -15.30 5.20 0.25
N LYS B 100 -16.25 9.68 -1.94
CA LYS B 100 -17.42 9.62 -2.84
C LYS B 100 -18.65 9.38 -1.95
N LYS B 101 -18.45 8.73 -0.82
CA LYS B 101 -19.52 8.48 0.15
C LYS B 101 -19.07 8.95 1.53
#